data_6E0E
#
_entry.id   6E0E
#
_cell.length_a   79.570
_cell.length_b   79.570
_cell.length_c   320.160
_cell.angle_alpha   90.00
_cell.angle_beta   90.00
_cell.angle_gamma   120.00
#
_symmetry.space_group_name_H-M   'P 65 2 2'
#
loop_
_entity.id
_entity.type
_entity.pdbx_description
1 polymer Glucokinase
2 non-polymer alpha-D-glucopyranose
3 non-polymer 2-({2-[(4-methyl-1,3-thiazol-2-yl)amino]pyridin-3-yl}oxy)benzonitrile
4 water water
#
_entity_poly.entity_id   1
_entity_poly.type   'polypeptide(L)'
_entity_poly.pdbx_seq_one_letter_code
;TLVEQILAEFQLQEEDLKKVMRRMQKEMDRGLRLETHEEASVKMLPTYVRSTPEGSEVGDFLSLDLGGTNFRVMLVKVGE
GEEGQWSVKTKHQMYSIPEDAMTGTAEMLFDYISECISDFLDKHQMKHKKLPLGFTFSFPVRHEDIDKGILLNWTKGFKA
SGAEGNNVVGLLRDAIKRRGDFEMDVVAMVNDTVATMISCYYEDHQCEVGMIVGTGCNACYMEEMQNVELVEGDEGRMCV
NTEWGAFGDSGELDEFLLEYDRLVDESSANPGQQLYEKLIGGKYMGELVRLVLLRLVDENLLFHGEASEQLRTRGAFETR
FVSQVESDTGDRKQIYNILSTLGLRPSTTDCDIVRRACESVSTRAAHMCSAGLAGVINRMRESRSEDVMRITVGVDGSVY
KLHPSFKERFHASVRRLTPSCEITFIESEEGSGRGAALVSAVACKKAC
;
_entity_poly.pdbx_strand_id   A
#
# COMPACT_ATOMS: atom_id res chain seq x y z
N THR A 1 -22.51 15.38 23.84
CA THR A 1 -21.87 16.22 22.79
C THR A 1 -20.44 16.50 23.20
N LEU A 2 -20.14 16.42 24.49
CA LEU A 2 -18.77 16.63 25.01
C LEU A 2 -17.74 15.70 24.33
N VAL A 3 -18.24 14.58 23.81
CA VAL A 3 -17.44 13.61 23.07
C VAL A 3 -17.60 13.88 21.59
N GLU A 4 -18.85 14.02 21.15
CA GLU A 4 -19.19 14.30 19.76
C GLU A 4 -18.51 15.54 19.18
N GLN A 5 -18.05 16.43 20.06
CA GLN A 5 -17.36 17.64 19.64
C GLN A 5 -15.87 17.40 19.51
N ILE A 6 -15.32 16.55 20.36
CA ILE A 6 -13.96 16.07 20.12
C ILE A 6 -13.84 15.29 18.79
N LEU A 7 -14.78 14.37 18.56
CA LEU A 7 -14.80 13.56 17.35
C LEU A 7 -15.24 14.33 16.10
N ALA A 8 -15.88 15.49 16.28
CA ALA A 8 -16.26 16.35 15.14
C ALA A 8 -15.04 16.92 14.40
N GLU A 9 -13.92 17.00 15.09
CA GLU A 9 -12.63 17.37 14.53
C GLU A 9 -12.12 16.40 13.42
N PHE A 10 -12.76 15.24 13.25
CA PHE A 10 -12.32 14.26 12.25
C PHE A 10 -13.05 14.46 10.92
N GLN A 11 -14.15 15.21 10.98
CA GLN A 11 -15.03 15.47 9.85
C GLN A 11 -14.32 16.19 8.73
N LEU A 12 -14.76 15.96 7.49
CA LEU A 12 -14.24 16.69 6.34
C LEU A 12 -15.33 16.97 5.35
N GLN A 13 -15.45 18.23 4.99
CA GLN A 13 -16.48 18.73 4.07
C GLN A 13 -16.17 18.29 2.66
N GLU A 14 -17.22 18.20 1.83
CA GLU A 14 -17.11 18.18 0.38
C GLU A 14 -15.99 19.14 -0.10
N GLU A 15 -15.99 20.38 0.40
CA GLU A 15 -14.99 21.42 0.04
C GLU A 15 -13.59 21.10 0.50
N ASP A 16 -13.50 20.39 1.62
CA ASP A 16 -12.24 19.97 2.20
C ASP A 16 -11.62 18.87 1.35
N LEU A 17 -12.48 17.95 0.91
CA LEU A 17 -12.05 16.82 0.09
C LEU A 17 -11.55 17.29 -1.28
N LYS A 18 -12.36 18.11 -1.94
CA LYS A 18 -12.00 18.76 -3.21
C LYS A 18 -10.65 19.48 -3.13
N LYS A 19 -10.39 20.15 -1.99
CA LYS A 19 -9.11 20.83 -1.79
C LYS A 19 -8.01 19.79 -1.87
N VAL A 20 -8.17 18.70 -1.11
CA VAL A 20 -7.16 17.66 -1.04
C VAL A 20 -6.93 17.01 -2.42
N MET A 21 -8.02 16.74 -3.13
CA MET A 21 -7.99 16.21 -4.48
C MET A 21 -7.20 17.09 -5.44
N ARG A 22 -7.45 18.40 -5.35
CA ARG A 22 -6.80 19.39 -6.22
C ARG A 22 -5.33 19.56 -5.87
N ARG A 23 -5.04 19.53 -4.57
CA ARG A 23 -3.67 19.62 -4.12
C ARG A 23 -2.86 18.36 -4.51
N MET A 24 -3.48 17.18 -4.38
CA MET A 24 -2.88 15.93 -4.82
C MET A 24 -2.62 15.91 -6.34
N GLN A 25 -3.58 16.37 -7.14
CA GLN A 25 -3.38 16.52 -8.57
C GLN A 25 -2.20 17.43 -8.93
N LYS A 26 -1.88 18.35 -8.03
CA LYS A 26 -0.84 19.35 -8.25
C LYS A 26 0.55 18.81 -7.89
N GLU A 27 0.63 18.09 -6.78
CA GLU A 27 1.84 17.38 -6.40
C GLU A 27 2.21 16.26 -7.35
N MET A 28 1.20 15.72 -8.03
CA MET A 28 1.33 14.67 -9.04
C MET A 28 1.90 15.20 -10.35
N ASP A 29 1.51 16.41 -10.72
CA ASP A 29 2.06 17.11 -11.87
C ASP A 29 3.50 17.52 -11.60
N ARG A 30 3.74 18.00 -10.38
CA ARG A 30 5.08 18.37 -9.88
C ARG A 30 6.08 17.21 -9.80
N GLY A 31 5.61 16.00 -9.61
CA GLY A 31 6.51 14.86 -9.51
C GLY A 31 6.88 14.30 -10.85
N LEU A 32 6.06 14.59 -11.86
CA LEU A 32 6.32 14.07 -13.20
C LEU A 32 7.30 14.94 -13.99
N ARG A 33 7.36 16.23 -13.65
CA ARG A 33 8.17 17.24 -14.38
C ARG A 33 9.59 17.32 -13.83
N LEU A 34 10.56 17.49 -14.73
CA LEU A 34 11.97 17.39 -14.37
C LEU A 34 12.39 18.42 -13.30
N GLU A 35 11.98 19.69 -13.50
CA GLU A 35 12.31 20.79 -12.56
C GLU A 35 11.91 20.53 -11.12
N THR A 36 10.79 19.83 -10.96
CA THR A 36 10.14 19.73 -9.67
C THR A 36 10.31 18.35 -9.05
N HIS A 37 10.67 17.36 -9.87
CA HIS A 37 10.79 15.95 -9.43
C HIS A 37 11.66 15.72 -8.19
N GLU A 38 12.74 16.49 -8.05
CA GLU A 38 13.69 16.22 -6.99
C GLU A 38 13.16 16.61 -5.61
N GLU A 39 12.38 17.69 -5.56
CA GLU A 39 11.82 18.19 -4.29
C GLU A 39 10.35 17.77 -4.05
N ALA A 40 9.72 17.19 -5.08
CA ALA A 40 8.33 16.71 -5.02
C ALA A 40 8.11 15.60 -3.99
N SER A 41 7.06 15.76 -3.20
CA SER A 41 6.66 14.80 -2.17
C SER A 41 6.07 13.52 -2.81
N VAL A 42 5.20 13.77 -3.79
CA VAL A 42 4.60 12.70 -4.59
C VAL A 42 5.60 12.34 -5.70
N LYS A 43 6.46 11.37 -5.41
CA LYS A 43 7.65 11.09 -6.23
C LYS A 43 7.37 10.75 -7.70
N MET A 44 6.22 10.13 -7.98
CA MET A 44 5.79 9.77 -9.34
C MET A 44 6.81 8.90 -10.10
N LEU A 45 7.34 7.90 -9.41
CA LEU A 45 8.42 7.03 -9.92
C LEU A 45 8.00 6.16 -11.10
N PRO A 46 8.72 6.26 -12.23
CA PRO A 46 8.42 5.36 -13.36
C PRO A 46 8.83 3.94 -13.01
N THR A 47 8.05 2.98 -13.54
CA THR A 47 8.14 1.59 -13.13
C THR A 47 8.66 0.66 -14.23
N TYR A 48 8.81 1.24 -15.41
CA TYR A 48 9.22 0.56 -16.66
C TYR A 48 8.23 -0.46 -17.19
N VAL A 49 7.09 -0.63 -16.50
CA VAL A 49 5.95 -1.44 -16.98
C VAL A 49 5.17 -0.68 -18.07
N ARG A 50 5.09 -1.25 -19.27
CA ARG A 50 4.69 -0.46 -20.43
C ARG A 50 3.40 -0.88 -21.11
N SER A 51 2.89 0.01 -21.96
CA SER A 51 1.58 -0.12 -22.62
C SER A 51 1.62 -1.05 -23.81
N THR A 52 2.80 -1.26 -24.32
CA THR A 52 2.99 -1.94 -25.57
C THR A 52 3.88 -3.16 -25.25
N PRO A 53 3.29 -4.22 -24.64
CA PRO A 53 4.13 -5.36 -24.31
C PRO A 53 4.29 -6.26 -25.54
N GLU A 54 5.54 -6.46 -25.95
CA GLU A 54 5.82 -7.32 -27.09
C GLU A 54 5.73 -8.80 -26.67
N GLY A 55 6.77 -9.29 -26.01
CA GLY A 55 6.88 -10.69 -25.65
C GLY A 55 6.03 -11.16 -24.49
N SER A 56 6.43 -12.30 -23.91
CA SER A 56 5.74 -13.02 -22.81
C SER A 56 6.02 -14.54 -22.84
N GLU A 57 6.83 -15.02 -21.89
CA GLU A 57 7.19 -16.43 -21.82
C GLU A 57 6.16 -17.23 -21.00
N VAL A 58 5.60 -18.28 -21.60
CA VAL A 58 4.70 -19.21 -20.88
C VAL A 58 5.51 -20.15 -19.98
N GLY A 59 4.93 -20.56 -18.85
CA GLY A 59 5.60 -21.43 -17.85
C GLY A 59 5.62 -20.94 -16.41
N ASP A 60 6.64 -21.36 -15.65
CA ASP A 60 6.65 -21.23 -14.19
C ASP A 60 7.58 -20.15 -13.67
N PHE A 61 7.09 -19.42 -12.66
CA PHE A 61 7.81 -18.26 -12.10
C PHE A 61 7.78 -18.20 -10.59
N LEU A 62 8.91 -17.83 -9.99
CA LEU A 62 8.98 -17.55 -8.56
C LEU A 62 8.70 -16.07 -8.33
N SER A 63 7.93 -15.81 -7.26
CA SER A 63 7.53 -14.47 -6.86
C SER A 63 7.79 -14.34 -5.39
N LEU A 64 8.28 -13.16 -5.00
CA LEU A 64 8.42 -12.78 -3.59
C LEU A 64 7.58 -11.53 -3.29
N ASP A 65 7.11 -11.41 -2.06
CA ASP A 65 6.46 -10.20 -1.60
C ASP A 65 7.09 -9.78 -0.27
N LEU A 66 7.97 -8.80 -0.34
CA LEU A 66 8.49 -8.13 0.84
C LEU A 66 7.79 -6.79 0.94
N GLY A 67 7.24 -6.49 2.11
CA GLY A 67 6.56 -5.22 2.28
C GLY A 67 5.35 -5.30 3.18
N GLY A 68 4.68 -6.45 3.17
CA GLY A 68 3.83 -6.84 4.27
C GLY A 68 4.75 -6.96 5.47
N THR A 69 4.18 -7.05 6.66
CA THR A 69 4.98 -7.33 7.86
C THR A 69 5.44 -8.81 7.86
N ASN A 70 4.71 -9.64 7.10
CA ASN A 70 5.17 -10.94 6.65
C ASN A 70 6.04 -10.82 5.38
N PHE A 71 6.73 -11.90 5.05
CA PHE A 71 7.46 -12.05 3.79
C PHE A 71 7.00 -13.34 3.15
N ARG A 72 6.51 -13.26 1.92
CA ARG A 72 5.93 -14.44 1.25
C ARG A 72 6.74 -14.82 0.02
N VAL A 73 6.67 -16.11 -0.35
CA VAL A 73 7.42 -16.71 -1.47
C VAL A 73 6.44 -17.65 -2.15
N MET A 74 6.27 -17.51 -3.46
CA MET A 74 5.37 -18.41 -4.18
C MET A 74 5.78 -18.71 -5.60
N LEU A 75 5.20 -19.80 -6.11
CA LEU A 75 5.35 -20.26 -7.46
C LEU A 75 4.05 -19.95 -8.16
N VAL A 76 4.15 -19.37 -9.36
CA VAL A 76 2.98 -19.09 -10.21
C VAL A 76 3.25 -19.55 -11.65
N LYS A 77 2.19 -20.01 -12.31
CA LYS A 77 2.25 -20.59 -13.66
C LYS A 77 1.50 -19.73 -14.69
N VAL A 78 2.27 -18.96 -15.47
CA VAL A 78 1.75 -18.17 -16.61
C VAL A 78 1.55 -19.03 -17.89
N GLY A 79 0.37 -18.90 -18.50
CA GLY A 79 0.07 -19.54 -19.79
C GLY A 79 -0.45 -18.54 -20.79
N GLU A 80 -1.41 -18.93 -21.63
CA GLU A 80 -1.86 -18.07 -22.72
C GLU A 80 -3.33 -18.19 -23.10
N GLY A 81 -4.06 -17.08 -23.02
CA GLY A 81 -5.50 -17.10 -23.26
C GLY A 81 -5.92 -16.20 -24.40
N GLU A 82 -7.23 -16.07 -24.57
CA GLU A 82 -7.78 -15.06 -25.47
C GLU A 82 -7.39 -13.66 -24.96
N GLU A 83 -6.91 -12.84 -25.90
CA GLU A 83 -6.45 -11.44 -25.67
C GLU A 83 -5.26 -11.23 -24.71
N GLY A 84 -5.09 -12.11 -23.73
CA GLY A 84 -4.00 -11.97 -22.76
C GLY A 84 -3.44 -13.23 -22.14
N GLN A 85 -2.54 -13.03 -21.18
CA GLN A 85 -1.90 -14.11 -20.44
C GLN A 85 -2.61 -14.40 -19.11
N TRP A 86 -2.99 -15.67 -18.89
CA TRP A 86 -3.47 -16.11 -17.58
C TRP A 86 -2.32 -16.47 -16.64
N SER A 87 -2.58 -16.47 -15.35
CA SER A 87 -1.59 -16.87 -14.35
C SER A 87 -2.33 -17.60 -13.23
N VAL A 88 -1.59 -18.13 -12.24
CA VAL A 88 -2.17 -18.89 -11.11
C VAL A 88 -1.11 -19.37 -10.11
N LYS A 89 -1.25 -18.92 -8.86
CA LYS A 89 -0.46 -19.37 -7.71
C LYS A 89 -0.68 -20.88 -7.53
N THR A 90 0.42 -21.61 -7.29
CA THR A 90 0.42 -23.09 -7.25
C THR A 90 1.02 -23.60 -5.94
N LYS A 91 2.00 -22.87 -5.43
CA LYS A 91 2.63 -23.16 -4.16
C LYS A 91 2.90 -21.81 -3.51
N HIS A 92 2.95 -21.78 -2.18
CA HIS A 92 2.97 -20.55 -1.39
C HIS A 92 3.60 -20.90 -0.03
N GLN A 93 4.27 -19.94 0.59
CA GLN A 93 4.73 -20.07 1.97
C GLN A 93 4.99 -18.70 2.59
N MET A 94 4.44 -18.46 3.77
CA MET A 94 4.71 -17.21 4.49
C MET A 94 5.81 -17.41 5.53
N TYR A 95 6.58 -16.35 5.78
CA TYR A 95 7.65 -16.39 6.79
C TYR A 95 7.59 -15.11 7.58
N SER A 96 7.77 -15.21 8.89
CA SER A 96 7.89 -14.00 9.71
C SER A 96 9.32 -13.48 9.62
N ILE A 97 9.51 -12.21 9.98
CA ILE A 97 10.83 -11.58 10.02
C ILE A 97 11.08 -11.16 11.47
N PRO A 98 12.10 -11.76 12.14
CA PRO A 98 12.37 -11.49 13.56
C PRO A 98 12.96 -10.11 13.79
N GLU A 99 12.58 -9.49 14.91
CA GLU A 99 12.98 -8.12 15.28
C GLU A 99 14.48 -7.80 15.03
N ASP A 100 15.37 -8.71 15.42
CA ASP A 100 16.82 -8.52 15.22
C ASP A 100 17.30 -8.52 13.75
N ALA A 101 16.53 -9.16 12.85
CA ALA A 101 16.79 -9.15 11.40
C ALA A 101 16.50 -7.79 10.73
N MET A 102 15.36 -7.20 11.08
CA MET A 102 14.99 -5.87 10.60
C MET A 102 15.59 -4.70 11.40
N THR A 103 16.44 -5.01 12.38
CA THR A 103 17.10 -3.99 13.20
C THR A 103 18.56 -3.79 12.75
N GLY A 104 19.14 -4.84 12.20
CA GLY A 104 20.56 -4.87 11.88
C GLY A 104 20.92 -4.16 10.60
N THR A 105 21.29 -4.96 9.60
CA THR A 105 21.80 -4.48 8.30
C THR A 105 20.95 -5.04 7.17
N ALA A 106 21.03 -4.38 6.02
CA ALA A 106 20.42 -4.87 4.77
C ALA A 106 20.85 -6.30 4.39
N GLU A 107 22.13 -6.61 4.59
CA GLU A 107 22.67 -7.95 4.30
C GLU A 107 22.24 -9.00 5.31
N MET A 108 22.07 -8.58 6.57
CA MET A 108 21.47 -9.42 7.62
C MET A 108 20.02 -9.77 7.25
N LEU A 109 19.27 -8.78 6.76
CA LEU A 109 17.88 -8.96 6.35
C LEU A 109 17.73 -9.77 5.05
N PHE A 110 18.52 -9.42 4.04
CA PHE A 110 18.49 -10.13 2.75
C PHE A 110 19.05 -11.53 2.82
N ASP A 111 19.96 -11.76 3.77
CA ASP A 111 20.42 -13.10 4.10
C ASP A 111 19.29 -13.98 4.60
N TYR A 112 18.50 -13.43 5.53
CA TYR A 112 17.31 -14.10 6.04
C TYR A 112 16.35 -14.48 4.90
N ILE A 113 16.11 -13.52 4.00
CA ILE A 113 15.28 -13.73 2.79
C ILE A 113 15.75 -14.95 1.99
N SER A 114 17.07 -15.05 1.76
CA SER A 114 17.69 -16.13 0.97
C SER A 114 17.43 -17.49 1.61
N GLU A 115 17.51 -17.51 2.95
CA GLU A 115 17.21 -18.70 3.75
C GLU A 115 15.76 -19.13 3.58
N CYS A 116 14.83 -18.17 3.61
CA CYS A 116 13.39 -18.46 3.42
C CYS A 116 13.11 -19.08 2.04
N ILE A 117 13.78 -18.56 1.01
CA ILE A 117 13.62 -19.01 -0.39
C ILE A 117 14.05 -20.48 -0.50
N SER A 118 15.19 -20.80 0.11
CA SER A 118 15.76 -22.16 0.10
C SER A 118 14.86 -23.19 0.79
N ASP A 119 14.41 -22.85 2.01
CA ASP A 119 13.38 -23.59 2.77
C ASP A 119 12.14 -23.93 1.91
N PHE A 120 11.65 -22.93 1.18
CA PHE A 120 10.59 -23.10 0.19
C PHE A 120 11.03 -24.13 -0.86
N LEU A 121 12.21 -23.92 -1.42
CA LEU A 121 12.74 -24.71 -2.52
C LEU A 121 12.86 -26.21 -2.16
N ASP A 122 13.46 -26.50 -1.00
CA ASP A 122 13.49 -27.86 -0.45
C ASP A 122 12.10 -28.46 -0.43
N LYS A 123 11.22 -27.85 0.35
CA LYS A 123 9.84 -28.30 0.54
C LYS A 123 9.13 -28.86 -0.72
N HIS A 124 9.42 -28.29 -1.89
CA HIS A 124 8.58 -28.55 -3.06
C HIS A 124 9.21 -29.30 -4.24
N GLN A 125 10.36 -29.96 -4.00
CA GLN A 125 11.15 -30.65 -5.05
C GLN A 125 11.59 -29.65 -6.11
N MET A 126 12.12 -28.53 -5.63
CA MET A 126 12.44 -27.37 -6.48
C MET A 126 13.93 -27.13 -6.58
N LYS A 127 14.65 -27.32 -5.46
CA LYS A 127 16.01 -26.79 -5.26
C LYS A 127 17.03 -26.98 -6.42
N HIS A 128 16.85 -28.04 -7.21
CA HIS A 128 17.66 -28.32 -8.41
C HIS A 128 17.52 -27.29 -9.56
N LYS A 129 16.33 -26.71 -9.74
CA LYS A 129 16.08 -25.72 -10.84
C LYS A 129 16.46 -24.29 -10.42
N LYS A 130 16.76 -23.45 -11.42
CA LYS A 130 16.73 -21.98 -11.28
C LYS A 130 15.62 -21.48 -12.20
N LEU A 131 14.74 -20.66 -11.64
CA LEU A 131 13.58 -20.17 -12.37
C LEU A 131 13.63 -18.64 -12.57
N PRO A 132 12.76 -18.10 -13.46
CA PRO A 132 12.62 -16.63 -13.45
C PRO A 132 11.97 -16.15 -12.14
N LEU A 133 12.62 -15.23 -11.45
CA LEU A 133 12.12 -14.71 -10.19
C LEU A 133 11.58 -13.29 -10.38
N GLY A 134 10.29 -13.11 -10.09
CA GLY A 134 9.65 -11.79 -9.94
C GLY A 134 9.71 -11.34 -8.46
N PHE A 135 9.99 -10.07 -8.21
CA PHE A 135 10.11 -9.57 -6.84
C PHE A 135 9.18 -8.35 -6.56
N THR A 136 8.01 -8.58 -5.95
CA THR A 136 7.16 -7.49 -5.44
C THR A 136 7.81 -6.88 -4.20
N PHE A 137 8.13 -5.59 -4.26
CA PHE A 137 8.90 -4.90 -3.22
C PHE A 137 8.25 -3.54 -2.91
N SER A 138 7.41 -3.57 -1.86
CA SER A 138 6.45 -2.53 -1.50
C SER A 138 7.07 -1.34 -0.79
N PHE A 139 8.04 -0.68 -1.42
CA PHE A 139 8.70 0.55 -0.87
C PHE A 139 9.09 1.48 -2.02
N PRO A 140 9.43 2.76 -1.72
CA PRO A 140 9.81 3.59 -2.89
C PRO A 140 11.15 3.19 -3.56
N VAL A 141 11.09 2.98 -4.89
CA VAL A 141 12.25 2.61 -5.69
C VAL A 141 12.40 3.53 -6.92
N ARG A 142 13.57 4.18 -7.05
CA ARG A 142 13.94 4.87 -8.29
C ARG A 142 14.55 3.86 -9.26
N HIS A 143 13.71 3.35 -10.14
CA HIS A 143 14.09 2.35 -11.13
C HIS A 143 14.94 2.98 -12.22
N GLU A 144 15.99 2.26 -12.62
CA GLU A 144 16.71 2.49 -13.87
C GLU A 144 16.10 1.63 -14.97
N ASP A 145 15.77 0.39 -14.66
CA ASP A 145 15.03 -0.45 -15.59
C ASP A 145 14.11 -1.38 -14.77
N ILE A 146 13.28 -2.18 -15.46
CA ILE A 146 12.38 -3.15 -14.83
C ILE A 146 13.04 -4.11 -13.81
N ASP A 147 14.38 -4.15 -13.82
CA ASP A 147 15.17 -5.02 -12.95
C ASP A 147 16.32 -4.35 -12.18
N LYS A 148 16.32 -3.03 -12.17
CA LYS A 148 17.29 -2.26 -11.40
C LYS A 148 16.60 -0.98 -10.89
N GLY A 149 16.69 -0.77 -9.59
CA GLY A 149 16.36 0.49 -8.95
C GLY A 149 16.87 0.50 -7.52
N ILE A 150 17.20 1.69 -7.03
CA ILE A 150 17.64 1.90 -5.66
C ILE A 150 16.43 2.16 -4.72
N LEU A 151 16.41 1.51 -3.56
CA LEU A 151 15.44 1.86 -2.51
C LEU A 151 15.70 3.29 -2.11
N LEU A 152 14.65 4.11 -2.14
CA LEU A 152 14.81 5.50 -1.78
C LEU A 152 14.92 5.68 -0.27
N ASN A 153 13.97 5.13 0.47
CA ASN A 153 13.98 5.07 1.94
C ASN A 153 12.85 4.19 2.40
N TRP A 154 13.13 3.36 3.39
CA TRP A 154 12.13 2.53 4.06
C TRP A 154 10.88 3.28 4.54
N THR A 155 9.77 2.56 4.54
CA THR A 155 8.51 3.09 5.03
C THR A 155 7.85 1.96 5.81
N LYS A 156 6.77 2.31 6.55
CA LYS A 156 5.95 1.36 7.32
C LYS A 156 6.73 0.71 8.47
N GLY A 157 7.72 1.41 8.99
CA GLY A 157 8.49 0.91 10.12
C GLY A 157 9.78 0.15 9.84
N PHE A 158 9.91 -0.46 8.66
CA PHE A 158 11.16 -1.18 8.24
C PHE A 158 12.41 -0.33 8.47
N LYS A 159 13.49 -0.96 8.95
CA LYS A 159 14.60 -0.20 9.57
C LYS A 159 15.99 -0.52 9.04
N ALA A 160 16.17 -1.76 8.53
CA ALA A 160 17.48 -2.32 8.18
C ALA A 160 18.46 -1.31 7.52
N SER A 161 19.52 -0.97 8.26
CA SER A 161 20.55 0.00 7.84
C SER A 161 21.31 -0.46 6.61
N GLY A 162 21.88 0.52 5.91
CA GLY A 162 22.61 0.27 4.66
C GLY A 162 21.84 -0.35 3.50
N ALA A 163 20.58 0.06 3.33
CA ALA A 163 19.80 -0.30 2.13
C ALA A 163 19.38 0.96 1.35
N GLU A 164 19.16 2.07 2.08
CA GLU A 164 18.79 3.37 1.51
C GLU A 164 19.87 3.97 0.59
N GLY A 165 19.67 3.80 -0.72
CA GLY A 165 20.57 4.31 -1.75
C GLY A 165 21.20 3.20 -2.56
N ASN A 166 20.74 1.97 -2.35
CA ASN A 166 21.35 0.78 -2.93
C ASN A 166 20.42 -0.01 -3.82
N ASN A 167 20.99 -0.58 -4.88
CA ASN A 167 20.26 -1.42 -5.82
C ASN A 167 19.69 -2.64 -5.07
N VAL A 168 18.36 -2.70 -5.02
CA VAL A 168 17.63 -3.75 -4.31
C VAL A 168 17.82 -5.13 -4.96
N VAL A 169 17.62 -5.22 -6.28
CA VAL A 169 17.85 -6.46 -7.05
C VAL A 169 19.33 -6.84 -6.94
N GLY A 170 20.16 -5.84 -6.65
CA GLY A 170 21.53 -6.04 -6.26
C GLY A 170 21.59 -6.83 -4.96
N LEU A 171 21.24 -6.17 -3.86
CA LEU A 171 21.32 -6.75 -2.51
C LEU A 171 20.64 -8.12 -2.39
N LEU A 172 19.68 -8.42 -3.28
CA LEU A 172 19.05 -9.73 -3.35
C LEU A 172 20.02 -10.80 -3.86
N ARG A 173 20.60 -10.57 -5.05
CA ARG A 173 21.56 -11.49 -5.67
C ARG A 173 22.84 -11.71 -4.83
N ASP A 174 23.35 -10.60 -4.29
CA ASP A 174 24.47 -10.55 -3.33
C ASP A 174 24.31 -11.48 -2.12
N ALA A 175 23.06 -11.76 -1.73
CA ALA A 175 22.74 -12.68 -0.62
C ALA A 175 22.38 -14.10 -1.09
N ILE A 176 21.84 -14.19 -2.32
CA ILE A 176 21.57 -15.48 -2.98
C ILE A 176 22.89 -16.21 -3.22
N LYS A 177 23.88 -15.47 -3.69
CA LYS A 177 25.19 -16.01 -4.04
C LYS A 177 26.18 -16.00 -2.86
N ARG A 178 25.80 -15.35 -1.75
CA ARG A 178 26.48 -15.41 -0.46
C ARG A 178 26.04 -16.69 0.25
N ARG A 179 25.32 -17.52 -0.49
CA ARG A 179 24.64 -18.69 0.04
C ARG A 179 24.43 -19.62 -1.15
N GLY A 180 25.52 -20.04 -1.79
CA GLY A 180 25.49 -20.88 -3.00
C GLY A 180 24.76 -22.19 -2.82
N ASP A 181 23.64 -22.11 -2.08
CA ASP A 181 22.66 -23.18 -1.86
C ASP A 181 21.78 -23.37 -3.11
N PHE A 182 21.51 -22.25 -3.80
CA PHE A 182 20.65 -22.20 -5.00
C PHE A 182 20.99 -20.98 -5.85
N GLU A 183 20.35 -20.91 -7.03
CA GLU A 183 20.46 -19.78 -7.96
C GLU A 183 19.08 -19.45 -8.54
N MET A 184 18.84 -18.16 -8.84
CA MET A 184 17.62 -17.67 -9.53
C MET A 184 17.93 -16.54 -10.52
N ASP A 185 17.18 -16.48 -11.63
CA ASP A 185 17.29 -15.35 -12.60
C ASP A 185 16.33 -14.23 -12.22
N VAL A 186 16.82 -13.24 -11.46
CA VAL A 186 15.97 -12.09 -11.06
C VAL A 186 15.63 -11.23 -12.28
N VAL A 187 14.47 -11.51 -12.87
CA VAL A 187 14.01 -10.85 -14.08
C VAL A 187 13.31 -9.49 -13.86
N ALA A 188 12.36 -9.41 -12.91
CA ALA A 188 11.62 -8.14 -12.65
C ALA A 188 11.48 -7.78 -11.17
N MET A 189 11.59 -6.48 -10.87
CA MET A 189 11.17 -5.93 -9.57
C MET A 189 9.97 -4.98 -9.76
N VAL A 190 8.91 -5.19 -8.97
CA VAL A 190 7.71 -4.33 -9.04
C VAL A 190 7.23 -3.79 -7.69
N ASN A 191 6.34 -2.80 -7.73
CA ASN A 191 5.61 -2.35 -6.53
C ASN A 191 4.36 -3.22 -6.36
N ASP A 192 3.80 -3.26 -5.14
CA ASP A 192 2.55 -4.01 -4.94
C ASP A 192 1.38 -3.39 -5.69
N THR A 193 1.35 -2.06 -5.75
CA THR A 193 0.34 -1.38 -6.57
C THR A 193 0.35 -1.86 -8.03
N VAL A 194 1.55 -1.84 -8.62
CA VAL A 194 1.76 -2.27 -10.02
C VAL A 194 1.35 -3.74 -10.23
N ALA A 195 1.77 -4.62 -9.32
CA ALA A 195 1.48 -6.04 -9.47
C ALA A 195 -0.01 -6.29 -9.44
N THR A 196 -0.68 -5.64 -8.48
CA THR A 196 -2.15 -5.68 -8.31
C THR A 196 -2.87 -5.23 -9.59
N MET A 197 -2.43 -4.11 -10.15
CA MET A 197 -2.92 -3.66 -11.43
C MET A 197 -2.75 -4.71 -12.53
N ILE A 198 -1.50 -5.14 -12.73
CA ILE A 198 -1.15 -6.11 -13.79
C ILE A 198 -1.95 -7.40 -13.67
N SER A 199 -2.02 -7.93 -12.45
CA SER A 199 -2.85 -9.11 -12.16
C SER A 199 -4.31 -8.96 -12.60
N CYS A 200 -4.80 -7.74 -12.70
CA CYS A 200 -6.19 -7.54 -13.07
C CYS A 200 -6.35 -7.38 -14.58
N TYR A 201 -5.24 -7.12 -15.28
CA TYR A 201 -5.29 -6.82 -16.70
C TYR A 201 -6.04 -7.87 -17.51
N TYR A 202 -5.82 -9.14 -17.18
CA TYR A 202 -6.35 -10.25 -17.95
C TYR A 202 -7.84 -10.08 -18.19
N GLU A 203 -8.59 -10.08 -17.08
CA GLU A 203 -10.04 -10.08 -17.15
C GLU A 203 -10.63 -8.67 -17.34
N ASP A 204 -9.78 -7.65 -17.40
CA ASP A 204 -10.23 -6.26 -17.63
C ASP A 204 -9.16 -5.34 -18.18
N HIS A 205 -9.11 -5.26 -19.52
CA HIS A 205 -8.15 -4.38 -20.24
C HIS A 205 -8.22 -2.91 -19.78
N GLN A 206 -9.40 -2.53 -19.29
CA GLN A 206 -9.63 -1.20 -18.74
C GLN A 206 -8.82 -0.92 -17.46
N CYS A 207 -8.31 -1.96 -16.78
CA CYS A 207 -7.57 -1.78 -15.54
C CYS A 207 -6.28 -1.01 -15.72
N GLU A 208 -6.34 0.27 -15.42
CA GLU A 208 -5.22 1.17 -15.64
C GLU A 208 -4.74 1.84 -14.33
N VAL A 209 -5.28 1.42 -13.19
CA VAL A 209 -4.88 1.93 -11.85
C VAL A 209 -4.73 0.77 -10.91
N GLY A 210 -3.72 0.85 -10.04
CA GLY A 210 -3.60 -0.06 -8.91
C GLY A 210 -3.55 0.66 -7.59
N MET A 211 -4.29 0.15 -6.62
CA MET A 211 -4.34 0.75 -5.29
C MET A 211 -4.18 -0.26 -4.14
N ILE A 212 -3.31 0.09 -3.19
CA ILE A 212 -3.20 -0.65 -1.93
C ILE A 212 -3.75 0.18 -0.76
N VAL A 213 -4.67 -0.41 0.01
CA VAL A 213 -5.07 0.19 1.30
C VAL A 213 -4.90 -0.89 2.40
N GLY A 214 -3.66 -1.03 2.87
CA GLY A 214 -3.29 -2.09 3.79
C GLY A 214 -2.51 -1.46 4.89
N THR A 215 -1.37 -2.05 5.23
CA THR A 215 -0.44 -1.52 6.25
C THR A 215 -0.11 -0.08 5.88
N GLY A 216 0.37 0.11 4.65
CA GLY A 216 0.48 1.42 4.03
C GLY A 216 -0.62 1.63 2.99
N CYS A 217 -0.53 2.77 2.32
CA CYS A 217 -1.48 3.16 1.31
C CYS A 217 -0.74 3.88 0.17
N ASN A 218 -1.01 3.47 -1.08
CA ASN A 218 -0.30 3.96 -2.24
C ASN A 218 -1.09 3.59 -3.49
N ALA A 219 -0.82 4.29 -4.59
CA ALA A 219 -1.48 4.01 -5.86
C ALA A 219 -0.51 4.13 -7.03
N CYS A 220 -0.74 3.31 -8.07
CA CYS A 220 -0.02 3.45 -9.35
C CYS A 220 -1.05 3.62 -10.46
N TYR A 221 -0.65 4.19 -11.61
CA TYR A 221 -1.58 4.34 -12.75
C TYR A 221 -0.79 4.40 -14.08
N MET A 222 -1.50 4.22 -15.19
CA MET A 222 -0.94 4.30 -16.55
C MET A 222 -0.86 5.76 -17.06
N GLU A 223 0.35 6.30 -17.09
CA GLU A 223 0.58 7.67 -17.58
C GLU A 223 0.97 7.69 -19.06
N GLU A 224 0.62 8.77 -19.76
CA GLU A 224 1.10 9.01 -21.13
C GLU A 224 2.60 9.30 -21.11
N MET A 225 3.37 8.62 -21.97
CA MET A 225 4.83 8.73 -21.98
C MET A 225 5.37 10.15 -22.16
N GLN A 226 4.61 11.02 -22.85
CA GLN A 226 5.04 12.41 -23.04
C GLN A 226 5.02 13.19 -21.74
N ASN A 227 4.23 12.71 -20.77
CA ASN A 227 4.09 13.35 -19.46
C ASN A 227 5.15 12.84 -18.47
N VAL A 228 5.56 11.59 -18.66
CA VAL A 228 6.67 11.01 -17.90
C VAL A 228 7.98 11.64 -18.42
N GLU A 229 8.40 12.72 -17.77
CA GLU A 229 9.57 13.42 -18.24
C GLU A 229 10.92 12.73 -17.92
N LEU A 230 10.91 11.78 -16.99
CA LEU A 230 12.16 11.13 -16.57
C LEU A 230 12.47 9.87 -17.39
N VAL A 231 11.57 9.48 -18.28
CA VAL A 231 11.88 8.42 -19.25
C VAL A 231 11.77 9.05 -20.63
N GLU A 232 12.78 8.81 -21.45
CA GLU A 232 12.86 9.34 -22.81
C GLU A 232 11.90 8.55 -23.69
N GLY A 233 11.08 9.25 -24.46
CA GLY A 233 10.06 8.60 -25.27
C GLY A 233 8.68 9.23 -25.11
N ASP A 234 7.86 9.10 -26.16
CA ASP A 234 6.47 9.59 -26.16
C ASP A 234 5.49 8.49 -26.62
N GLU A 235 5.99 7.26 -26.82
CA GLU A 235 5.17 6.16 -27.36
C GLU A 235 4.37 5.39 -26.32
N GLY A 236 3.05 5.53 -26.40
CA GLY A 236 2.11 4.79 -25.56
C GLY A 236 2.22 5.17 -24.10
N ARG A 237 2.04 4.20 -23.23
CA ARG A 237 2.06 4.46 -21.79
C ARG A 237 3.11 3.71 -20.98
N MET A 238 3.31 4.19 -19.76
CA MET A 238 4.08 3.52 -18.73
C MET A 238 3.48 3.70 -17.32
N CYS A 239 3.28 2.59 -16.61
CA CYS A 239 2.81 2.63 -15.23
C CYS A 239 3.72 3.49 -14.38
N VAL A 240 3.10 4.41 -13.62
CA VAL A 240 3.81 5.26 -12.67
C VAL A 240 3.37 4.95 -11.24
N ASN A 241 4.36 4.81 -10.35
CA ASN A 241 4.14 4.66 -8.91
C ASN A 241 4.14 6.03 -8.20
N THR A 242 2.98 6.46 -7.69
CA THR A 242 2.85 7.84 -7.23
C THR A 242 3.62 8.02 -5.91
N GLU A 243 3.58 6.97 -5.07
CA GLU A 243 3.99 7.06 -3.64
C GLU A 243 3.23 8.20 -2.98
N TRP A 244 1.91 8.18 -3.21
CA TRP A 244 1.03 9.22 -2.68
C TRP A 244 0.98 9.23 -1.17
N GLY A 245 1.53 8.16 -0.56
CA GLY A 245 1.74 8.06 0.87
C GLY A 245 2.51 9.21 1.49
N ALA A 246 3.44 9.80 0.74
CA ALA A 246 4.24 10.92 1.23
C ALA A 246 3.66 12.32 0.86
N PHE A 247 2.45 12.33 0.33
CA PHE A 247 1.69 13.57 0.18
C PHE A 247 1.50 14.29 1.53
N GLY A 248 1.78 15.58 1.56
CA GLY A 248 1.64 16.31 2.80
C GLY A 248 2.96 16.53 3.52
N ASP A 249 3.98 15.74 3.17
CA ASP A 249 5.32 15.88 3.77
C ASP A 249 5.96 17.26 3.53
N SER A 250 5.47 18.01 2.54
CA SER A 250 5.89 19.40 2.30
C SER A 250 4.83 20.36 2.82
N GLY A 251 4.12 19.93 3.86
CA GLY A 251 3.01 20.69 4.45
C GLY A 251 1.71 20.79 3.68
N GLU A 252 1.47 19.91 2.70
CA GLU A 252 0.26 19.96 1.85
C GLU A 252 -1.06 19.77 2.60
N LEU A 253 -0.97 19.07 3.73
CA LEU A 253 -2.11 18.68 4.57
C LEU A 253 -2.13 19.37 5.96
N ASP A 254 -1.25 20.38 6.16
CA ASP A 254 -1.03 21.04 7.46
C ASP A 254 -2.30 21.45 8.19
N GLU A 255 -3.22 22.09 7.48
CA GLU A 255 -4.47 22.54 8.07
C GLU A 255 -5.37 21.39 8.57
N PHE A 256 -5.17 20.19 8.03
CA PHE A 256 -5.99 19.02 8.32
C PHE A 256 -5.44 18.14 9.44
N LEU A 257 -4.15 18.25 9.73
CA LEU A 257 -3.50 17.47 10.77
C LEU A 257 -4.03 17.75 12.18
N LEU A 258 -4.47 16.70 12.85
CA LEU A 258 -5.00 16.82 14.19
C LEU A 258 -3.87 16.48 15.15
N GLU A 259 -4.04 16.87 16.42
CA GLU A 259 -3.08 16.57 17.51
C GLU A 259 -2.61 15.10 17.52
N TYR A 260 -3.55 14.18 17.28
CA TYR A 260 -3.30 12.74 17.28
C TYR A 260 -2.40 12.32 16.10
N ASP A 261 -2.55 12.99 14.96
CA ASP A 261 -1.66 12.80 13.81
C ASP A 261 -0.24 13.30 14.13
N ARG A 262 -0.15 14.48 14.75
CA ARG A 262 1.16 15.05 15.12
C ARG A 262 1.87 14.17 16.14
N LEU A 263 1.09 13.56 17.03
CA LEU A 263 1.60 12.60 18.01
C LEU A 263 1.96 11.24 17.43
N VAL A 264 1.17 10.75 16.46
CA VAL A 264 1.48 9.48 15.78
C VAL A 264 2.80 9.54 15.01
N ASP A 265 3.00 10.69 14.35
CA ASP A 265 4.12 11.00 13.47
C ASP A 265 5.40 11.13 14.27
N GLU A 266 5.40 11.96 15.31
CA GLU A 266 6.57 12.16 16.17
C GLU A 266 7.10 10.81 16.69
N SER A 267 6.18 9.93 17.09
CA SER A 267 6.54 8.65 17.67
C SER A 267 6.86 7.58 16.64
N SER A 268 6.67 7.90 15.37
CA SER A 268 6.83 6.92 14.31
C SER A 268 8.30 6.68 13.98
N ALA A 269 8.56 5.56 13.31
CA ALA A 269 9.90 5.23 12.83
C ALA A 269 10.42 6.19 11.74
N ASN A 270 9.60 7.16 11.32
CA ASN A 270 9.98 8.05 10.22
C ASN A 270 9.32 9.44 10.31
N PRO A 271 9.68 10.23 11.35
CA PRO A 271 8.92 11.47 11.61
C PRO A 271 8.97 12.43 10.44
N GLY A 272 7.94 13.25 10.28
CA GLY A 272 7.85 14.16 9.15
C GLY A 272 7.69 13.53 7.77
N GLN A 273 7.68 12.19 7.69
CA GLN A 273 7.51 11.44 6.43
C GLN A 273 6.26 10.53 6.41
N GLN A 274 5.72 10.32 5.19
CA GLN A 274 4.50 9.51 4.93
C GLN A 274 3.19 10.03 5.57
N LEU A 275 3.00 11.35 5.59
CA LEU A 275 1.92 11.93 6.40
C LEU A 275 0.51 11.54 5.91
N TYR A 276 0.32 11.54 4.60
CA TYR A 276 -0.96 11.14 3.99
C TYR A 276 -1.28 9.67 4.28
N GLU A 277 -0.25 8.84 4.26
CA GLU A 277 -0.34 7.42 4.58
C GLU A 277 -0.77 7.22 6.02
N LYS A 278 -0.22 8.06 6.90
CA LYS A 278 -0.47 8.01 8.33
C LYS A 278 -1.92 8.33 8.72
N LEU A 279 -2.64 9.08 7.88
CA LEU A 279 -4.10 9.29 8.02
C LEU A 279 -4.97 8.08 7.65
N ILE A 280 -4.40 7.15 6.85
CA ILE A 280 -5.17 6.06 6.23
C ILE A 280 -4.69 4.66 6.59
N GLY A 281 -3.40 4.42 6.44
CA GLY A 281 -2.83 3.09 6.51
C GLY A 281 -3.08 2.32 7.80
N GLY A 282 -3.03 1.01 7.67
CA GLY A 282 -3.21 0.07 8.78
C GLY A 282 -2.20 0.14 9.91
N LYS A 283 -0.91 0.22 9.61
CA LYS A 283 0.15 0.42 10.63
C LYS A 283 -0.21 1.55 11.61
N TYR A 284 -1.05 2.49 11.15
CA TYR A 284 -1.31 3.73 11.85
C TYR A 284 -2.72 3.91 12.44
N MET A 285 -3.72 3.27 11.84
CA MET A 285 -5.13 3.52 12.15
C MET A 285 -5.53 3.19 13.59
N GLY A 286 -5.06 2.05 14.07
CA GLY A 286 -5.33 1.63 15.44
C GLY A 286 -4.69 2.55 16.46
N GLU A 287 -3.50 3.04 16.14
CA GLU A 287 -2.78 3.98 16.98
C GLU A 287 -3.50 5.36 17.06
N LEU A 288 -4.11 5.76 15.96
CA LEU A 288 -4.93 6.97 15.91
C LEU A 288 -6.10 6.84 16.88
N VAL A 289 -6.66 5.64 16.96
CA VAL A 289 -7.76 5.36 17.87
C VAL A 289 -7.25 5.39 19.31
N ARG A 290 -6.19 4.64 19.57
CA ARG A 290 -5.56 4.59 20.88
C ARG A 290 -5.38 5.97 21.48
N LEU A 291 -4.92 6.90 20.64
CA LEU A 291 -4.66 8.27 21.04
C LEU A 291 -5.93 9.07 21.29
N VAL A 292 -6.97 8.80 20.49
CA VAL A 292 -8.26 9.48 20.62
C VAL A 292 -8.87 8.99 21.92
N LEU A 293 -8.69 7.69 22.18
CA LEU A 293 -9.18 7.11 23.41
C LEU A 293 -8.48 7.73 24.65
N LEU A 294 -7.14 7.80 24.62
CA LEU A 294 -6.35 8.37 25.73
C LEU A 294 -6.76 9.79 26.11
N ARG A 295 -7.05 10.63 25.11
CA ARG A 295 -7.50 12.00 25.32
C ARG A 295 -8.88 12.02 25.99
N LEU A 296 -9.72 11.06 25.62
CA LEU A 296 -11.05 10.94 26.24
C LEU A 296 -11.01 10.47 27.71
N VAL A 297 -9.95 9.76 28.11
CA VAL A 297 -9.76 9.48 29.52
C VAL A 297 -9.22 10.72 30.26
N ASP A 298 -8.29 11.43 29.63
CA ASP A 298 -7.72 12.63 30.25
C ASP A 298 -8.78 13.65 30.52
N GLU A 299 -9.67 13.84 29.54
CA GLU A 299 -10.78 14.77 29.63
C GLU A 299 -11.93 14.21 30.48
N ASN A 300 -11.72 13.01 31.03
CA ASN A 300 -12.65 12.33 31.95
C ASN A 300 -14.07 12.11 31.39
N LEU A 301 -14.11 11.53 30.19
CA LEU A 301 -15.36 11.26 29.46
C LEU A 301 -15.52 9.78 29.09
N LEU A 302 -14.49 8.97 29.37
CA LEU A 302 -14.40 7.58 28.92
C LEU A 302 -13.66 6.74 29.98
N PHE A 303 -14.18 5.54 30.25
CA PHE A 303 -13.63 4.61 31.27
C PHE A 303 -13.52 5.23 32.68
N HIS A 304 -14.49 6.11 32.99
CA HIS A 304 -14.54 6.90 34.24
C HIS A 304 -13.18 7.55 34.61
N GLY A 305 -12.47 8.01 33.58
CA GLY A 305 -11.21 8.72 33.74
C GLY A 305 -9.98 7.87 34.00
N GLU A 306 -10.14 6.55 33.91
CA GLU A 306 -9.08 5.60 34.26
C GLU A 306 -8.70 4.69 33.08
N ALA A 307 -7.44 4.78 32.63
CA ALA A 307 -6.95 4.00 31.49
C ALA A 307 -6.03 2.88 31.93
N SER A 308 -6.15 1.72 31.29
CA SER A 308 -5.34 0.55 31.57
C SER A 308 -3.89 0.79 31.23
N GLU A 309 -3.03 -0.04 31.79
CA GLU A 309 -1.61 -0.07 31.45
C GLU A 309 -1.44 -0.37 29.96
N GLN A 310 -2.09 -1.44 29.49
CA GLN A 310 -2.08 -1.80 28.06
C GLN A 310 -2.51 -0.68 27.14
N LEU A 311 -3.61 0.02 27.49
CA LEU A 311 -4.08 1.15 26.70
C LEU A 311 -3.06 2.28 26.64
N ARG A 312 -2.20 2.38 27.65
CA ARG A 312 -1.19 3.45 27.71
C ARG A 312 0.06 3.17 26.87
N THR A 313 0.27 1.91 26.48
CA THR A 313 1.42 1.51 25.64
C THR A 313 1.16 1.50 24.12
N ARG A 314 2.08 2.17 23.40
CA ARG A 314 2.15 2.26 21.93
C ARG A 314 1.82 0.96 21.22
N GLY A 315 0.97 1.05 20.19
CA GLY A 315 0.64 -0.07 19.34
C GLY A 315 -0.09 -1.23 19.99
N ALA A 316 -0.76 -1.01 21.12
CA ALA A 316 -1.55 -2.07 21.77
C ALA A 316 -2.96 -2.11 21.21
N PHE A 317 -3.46 -0.96 20.76
CA PHE A 317 -4.70 -0.94 19.99
C PHE A 317 -4.41 -1.24 18.51
N GLU A 318 -4.47 -2.52 18.17
CA GLU A 318 -4.29 -3.01 16.81
C GLU A 318 -5.35 -2.51 15.83
N THR A 319 -4.98 -2.42 14.55
CA THR A 319 -5.90 -1.94 13.52
C THR A 319 -7.10 -2.86 13.35
N ARG A 320 -6.86 -4.16 13.42
CA ARG A 320 -7.95 -5.13 13.33
C ARG A 320 -9.00 -4.98 14.45
N PHE A 321 -8.62 -4.35 15.58
CA PHE A 321 -9.60 -3.96 16.62
C PHE A 321 -10.60 -2.90 16.10
N VAL A 322 -10.11 -1.97 15.28
CA VAL A 322 -10.95 -0.96 14.63
C VAL A 322 -12.02 -1.65 13.76
N SER A 323 -11.57 -2.58 12.92
CA SER A 323 -12.49 -3.36 12.09
C SER A 323 -13.48 -4.15 12.91
N GLN A 324 -13.02 -4.84 13.95
CA GLN A 324 -13.93 -5.68 14.72
C GLN A 324 -14.92 -4.83 15.47
N VAL A 325 -14.45 -3.71 16.03
CA VAL A 325 -15.32 -2.77 16.74
C VAL A 325 -16.39 -2.26 15.81
N GLU A 326 -16.04 -1.99 14.56
CA GLU A 326 -17.06 -1.54 13.61
C GLU A 326 -17.96 -2.66 13.07
N SER A 327 -17.65 -3.89 13.40
CA SER A 327 -18.42 -5.04 12.96
C SER A 327 -19.42 -5.48 14.00
N ASP A 328 -19.30 -4.91 15.19
CA ASP A 328 -20.20 -5.18 16.30
C ASP A 328 -21.65 -4.93 15.87
N THR A 329 -22.50 -5.90 16.21
CA THR A 329 -23.87 -5.98 15.68
C THR A 329 -24.87 -5.08 16.43
N GLY A 330 -24.41 -4.48 17.53
CA GLY A 330 -25.23 -3.65 18.41
C GLY A 330 -25.20 -4.12 19.86
N ASP A 331 -25.01 -5.42 20.05
CA ASP A 331 -25.00 -6.07 21.36
C ASP A 331 -23.75 -5.81 22.23
N ARG A 332 -22.76 -5.12 21.66
CA ARG A 332 -21.53 -4.69 22.34
C ARG A 332 -20.58 -5.83 22.74
N LYS A 333 -20.92 -7.08 22.38
CA LYS A 333 -20.12 -8.25 22.78
C LYS A 333 -18.67 -8.18 22.29
N GLN A 334 -18.51 -7.80 21.02
CA GLN A 334 -17.22 -7.71 20.36
C GLN A 334 -16.41 -6.54 20.92
N ILE A 335 -17.03 -5.36 21.05
CA ILE A 335 -16.36 -4.20 21.65
C ILE A 335 -15.89 -4.51 23.09
N TYR A 336 -16.72 -5.22 23.86
CA TYR A 336 -16.35 -5.63 25.24
C TYR A 336 -15.12 -6.51 25.25
N ASN A 337 -15.19 -7.62 24.49
CA ASN A 337 -14.10 -8.58 24.37
C ASN A 337 -12.77 -7.91 24.05
N ILE A 338 -12.77 -7.02 23.06
CA ILE A 338 -11.56 -6.28 22.69
C ILE A 338 -11.04 -5.50 23.89
N LEU A 339 -11.91 -4.72 24.53
CA LEU A 339 -11.52 -3.87 25.67
C LEU A 339 -11.15 -4.66 26.95
N SER A 340 -11.88 -5.74 27.21
CA SER A 340 -11.55 -6.72 28.26
C SER A 340 -10.14 -7.30 28.10
N THR A 341 -9.80 -7.74 26.88
CA THR A 341 -8.42 -8.18 26.57
C THR A 341 -7.41 -7.04 26.77
N LEU A 342 -7.84 -5.81 26.49
CA LEU A 342 -7.00 -4.62 26.68
C LEU A 342 -6.92 -4.15 28.13
N GLY A 343 -7.38 -5.01 29.04
CA GLY A 343 -7.34 -4.79 30.48
C GLY A 343 -8.30 -3.70 30.95
N LEU A 344 -9.41 -3.55 30.25
CA LEU A 344 -10.41 -2.57 30.67
C LEU A 344 -11.72 -3.26 31.01
N ARG A 345 -12.59 -2.53 31.70
CA ARG A 345 -13.94 -2.98 32.02
C ARG A 345 -14.86 -1.80 31.70
N PRO A 346 -15.41 -1.80 30.46
CA PRO A 346 -16.17 -0.67 29.90
C PRO A 346 -17.68 -0.75 30.12
N SER A 347 -18.31 0.40 30.33
CA SER A 347 -19.78 0.47 30.44
C SER A 347 -20.45 0.35 29.07
N THR A 348 -21.79 0.28 29.05
CA THR A 348 -22.54 0.44 27.82
C THR A 348 -22.03 1.66 27.03
N THR A 349 -22.04 2.83 27.67
CA THR A 349 -21.77 4.04 26.94
C THR A 349 -20.26 4.08 26.53
N ASP A 350 -19.39 3.49 27.36
CA ASP A 350 -17.95 3.41 27.04
C ASP A 350 -17.73 2.72 25.69
N CYS A 351 -18.41 1.58 25.49
CA CYS A 351 -18.36 0.81 24.27
C CYS A 351 -18.90 1.65 23.10
N ASP A 352 -20.00 2.36 23.31
CA ASP A 352 -20.60 3.20 22.26
C ASP A 352 -19.64 4.30 21.83
N ILE A 353 -19.00 4.92 22.82
CA ILE A 353 -17.96 5.92 22.60
C ILE A 353 -16.77 5.36 21.79
N VAL A 354 -16.22 4.21 22.19
CA VAL A 354 -15.15 3.54 21.43
C VAL A 354 -15.53 3.33 19.95
N ARG A 355 -16.75 2.86 19.72
CA ARG A 355 -17.31 2.67 18.38
C ARG A 355 -17.23 3.94 17.57
N ARG A 356 -17.67 5.05 18.18
CA ARG A 356 -17.71 6.36 17.55
C ARG A 356 -16.31 6.93 17.27
N ALA A 357 -15.34 6.55 18.11
CA ALA A 357 -13.96 6.94 17.93
C ALA A 357 -13.36 6.21 16.72
N CYS A 358 -13.57 4.88 16.66
CA CYS A 358 -13.27 4.08 15.48
C CYS A 358 -13.92 4.61 14.18
N GLU A 359 -15.24 4.83 14.18
CA GLU A 359 -15.95 5.31 12.98
C GLU A 359 -15.39 6.66 12.49
N SER A 360 -15.07 7.54 13.44
CA SER A 360 -14.47 8.82 13.08
C SER A 360 -13.08 8.68 12.42
N VAL A 361 -12.22 7.83 12.95
CA VAL A 361 -10.91 7.60 12.34
C VAL A 361 -11.03 6.90 10.98
N SER A 362 -11.84 5.84 10.91
CA SER A 362 -11.95 5.07 9.69
C SER A 362 -12.74 5.77 8.58
N THR A 363 -13.65 6.68 8.94
CA THR A 363 -14.39 7.46 7.94
C THR A 363 -13.45 8.50 7.36
N ARG A 364 -12.56 9.07 8.18
CA ARG A 364 -11.62 10.05 7.70
C ARG A 364 -10.66 9.40 6.69
N ALA A 365 -10.09 8.25 7.08
CA ALA A 365 -9.23 7.48 6.20
C ALA A 365 -9.90 7.31 4.84
N ALA A 366 -11.15 6.82 4.82
CA ALA A 366 -11.86 6.53 3.57
C ALA A 366 -12.01 7.77 2.67
N HIS A 367 -12.29 8.90 3.33
CA HIS A 367 -12.51 10.18 2.66
C HIS A 367 -11.22 10.81 2.10
N MET A 368 -10.14 10.79 2.92
CA MET A 368 -8.81 11.21 2.48
C MET A 368 -8.42 10.37 1.28
N CYS A 369 -8.50 9.05 1.47
CA CYS A 369 -8.19 8.12 0.43
C CYS A 369 -8.99 8.41 -0.86
N SER A 370 -10.27 8.75 -0.71
CA SER A 370 -11.13 9.01 -1.88
C SER A 370 -10.65 10.22 -2.70
N ALA A 371 -10.15 11.24 -1.98
CA ALA A 371 -9.60 12.46 -2.57
C ALA A 371 -8.37 12.16 -3.45
N GLY A 372 -7.52 11.25 -2.98
CA GLY A 372 -6.35 10.81 -3.69
C GLY A 372 -6.73 10.16 -5.01
N LEU A 373 -7.52 9.08 -4.90
CA LEU A 373 -7.95 8.33 -6.06
C LEU A 373 -8.70 9.23 -7.00
N ALA A 374 -9.49 10.18 -6.47
CA ALA A 374 -10.20 11.14 -7.33
C ALA A 374 -9.18 11.99 -8.08
N GLY A 375 -8.11 12.38 -7.38
CA GLY A 375 -6.99 13.10 -8.00
C GLY A 375 -6.48 12.33 -9.23
N VAL A 376 -6.08 11.08 -8.98
CA VAL A 376 -5.51 10.21 -9.98
C VAL A 376 -6.48 10.05 -11.17
N ILE A 377 -7.71 9.62 -10.88
CA ILE A 377 -8.72 9.40 -11.92
C ILE A 377 -9.04 10.67 -12.75
N ASN A 378 -9.11 11.84 -12.11
CA ASN A 378 -9.36 13.11 -12.82
C ASN A 378 -8.18 13.59 -13.67
N ARG A 379 -6.93 13.33 -13.24
CA ARG A 379 -5.78 13.61 -14.09
C ARG A 379 -5.85 12.77 -15.37
N MET A 380 -6.21 11.50 -15.25
CA MET A 380 -6.36 10.64 -16.42
C MET A 380 -7.53 11.10 -17.30
N ARG A 381 -8.59 11.64 -16.68
CA ARG A 381 -9.70 12.26 -17.43
C ARG A 381 -9.24 13.43 -18.31
N GLU A 382 -8.36 14.27 -17.79
CA GLU A 382 -7.86 15.42 -18.55
C GLU A 382 -6.99 15.03 -19.78
N SER A 383 -6.71 13.74 -19.93
CA SER A 383 -5.93 13.20 -21.07
C SER A 383 -6.74 12.23 -21.96
N ARG A 384 -8.07 12.26 -21.85
CA ARG A 384 -8.97 11.25 -22.48
C ARG A 384 -10.16 11.95 -23.12
N SER A 385 -10.66 11.36 -24.20
CA SER A 385 -11.52 12.09 -25.13
C SER A 385 -13.00 11.68 -25.22
N GLU A 386 -13.36 10.50 -24.69
CA GLU A 386 -14.77 10.05 -24.65
C GLU A 386 -15.61 11.01 -23.81
N ASP A 387 -16.93 10.94 -23.95
CA ASP A 387 -17.85 11.73 -23.13
C ASP A 387 -17.67 11.31 -21.66
N VAL A 388 -17.89 10.02 -21.42
CA VAL A 388 -17.72 9.35 -20.13
C VAL A 388 -16.45 8.49 -20.18
N MET A 389 -15.49 8.76 -19.28
CA MET A 389 -14.32 7.87 -19.10
C MET A 389 -14.58 6.63 -18.23
N ARG A 390 -14.36 5.47 -18.85
CA ARG A 390 -14.56 4.19 -18.19
C ARG A 390 -13.21 3.65 -17.72
N ILE A 391 -13.06 3.49 -16.42
CA ILE A 391 -11.80 3.02 -15.86
C ILE A 391 -11.97 1.98 -14.75
N THR A 392 -11.07 0.99 -14.73
CA THR A 392 -11.05 -0.04 -13.72
C THR A 392 -9.84 0.15 -12.78
N VAL A 393 -10.09 0.01 -11.48
CA VAL A 393 -9.07 0.19 -10.44
C VAL A 393 -8.90 -1.13 -9.73
N GLY A 394 -7.67 -1.63 -9.74
CA GLY A 394 -7.36 -2.87 -9.08
C GLY A 394 -6.96 -2.52 -7.68
N VAL A 395 -7.54 -3.23 -6.70
CA VAL A 395 -7.36 -2.87 -5.27
C VAL A 395 -7.03 -4.08 -4.41
N ASP A 396 -6.16 -3.85 -3.42
CA ASP A 396 -5.79 -4.85 -2.43
C ASP A 396 -5.47 -4.20 -1.08
N GLY A 397 -5.41 -5.01 -0.03
CA GLY A 397 -5.08 -4.51 1.32
C GLY A 397 -6.19 -4.79 2.30
N SER A 398 -5.81 -5.05 3.56
CA SER A 398 -6.75 -5.44 4.62
C SER A 398 -7.74 -4.35 5.05
N VAL A 399 -7.30 -3.09 5.15
CA VAL A 399 -8.25 -1.99 5.42
C VAL A 399 -9.35 -1.99 4.37
N TYR A 400 -9.02 -1.80 3.09
CA TYR A 400 -10.01 -1.75 2.00
C TYR A 400 -10.90 -3.00 1.89
N LYS A 401 -10.30 -4.17 1.98
CA LYS A 401 -11.04 -5.40 1.75
C LYS A 401 -11.94 -5.74 2.96
N LEU A 402 -11.33 -5.75 4.14
CA LEU A 402 -11.92 -6.34 5.34
C LEU A 402 -12.70 -5.43 6.30
N HIS A 403 -12.27 -4.17 6.42
CA HIS A 403 -13.01 -3.20 7.24
C HIS A 403 -14.44 -3.08 6.74
N PRO A 404 -15.42 -3.07 7.67
CA PRO A 404 -16.85 -3.20 7.28
C PRO A 404 -17.40 -2.14 6.34
N SER A 405 -17.01 -0.88 6.52
CA SER A 405 -17.65 0.13 5.73
C SER A 405 -16.72 0.93 4.88
N PHE A 406 -15.43 0.77 5.12
CA PHE A 406 -14.42 1.54 4.43
C PHE A 406 -14.73 1.61 2.93
N LYS A 407 -14.96 0.45 2.32
CA LYS A 407 -15.09 0.37 0.86
C LYS A 407 -16.36 1.07 0.39
N GLU A 408 -17.50 0.84 1.05
CA GLU A 408 -18.72 1.51 0.64
C GLU A 408 -18.60 3.06 0.75
N ARG A 409 -17.99 3.54 1.83
CA ARG A 409 -17.79 4.99 2.04
C ARG A 409 -16.83 5.55 0.98
N PHE A 410 -15.65 4.91 0.89
CA PHE A 410 -14.67 5.17 -0.17
C PHE A 410 -15.30 5.29 -1.56
N HIS A 411 -16.00 4.25 -2.00
CA HIS A 411 -16.60 4.23 -3.34
C HIS A 411 -17.46 5.45 -3.61
N ALA A 412 -18.42 5.68 -2.71
CA ALA A 412 -19.39 6.77 -2.78
C ALA A 412 -18.72 8.15 -2.80
N SER A 413 -17.69 8.31 -1.98
CA SER A 413 -16.96 9.55 -1.97
C SER A 413 -16.22 9.78 -3.31
N VAL A 414 -15.45 8.77 -3.77
CA VAL A 414 -14.69 8.85 -5.04
C VAL A 414 -15.65 9.17 -6.18
N ARG A 415 -16.85 8.60 -6.10
CA ARG A 415 -17.89 8.83 -7.10
C ARG A 415 -18.39 10.27 -7.14
N ARG A 416 -18.74 10.82 -5.97
CA ARG A 416 -19.06 12.25 -5.80
C ARG A 416 -18.01 13.12 -6.48
N LEU A 417 -16.75 12.72 -6.28
CA LEU A 417 -15.59 13.51 -6.64
C LEU A 417 -15.13 13.38 -8.08
N THR A 418 -15.72 12.43 -8.83
CA THR A 418 -15.27 12.13 -10.21
C THR A 418 -16.41 12.12 -11.24
N PRO A 419 -17.06 13.29 -11.51
CA PRO A 419 -18.11 13.34 -12.54
C PRO A 419 -17.60 12.93 -13.92
N SER A 420 -18.50 12.40 -14.75
CA SER A 420 -18.22 11.86 -16.09
C SER A 420 -17.13 10.77 -16.12
N CYS A 421 -17.02 10.02 -15.01
CA CYS A 421 -16.19 8.82 -14.94
C CYS A 421 -17.03 7.64 -14.53
N GLU A 422 -16.87 6.53 -15.22
CA GLU A 422 -17.43 5.25 -14.75
C GLU A 422 -16.28 4.41 -14.21
N ILE A 423 -16.21 4.27 -12.89
CA ILE A 423 -15.12 3.53 -12.27
C ILE A 423 -15.64 2.14 -11.95
N THR A 424 -14.84 1.12 -12.28
CA THR A 424 -15.06 -0.27 -11.83
C THR A 424 -13.98 -0.67 -10.83
N PHE A 425 -14.40 -1.28 -9.72
CA PHE A 425 -13.47 -1.67 -8.66
C PHE A 425 -13.32 -3.19 -8.66
N ILE A 426 -12.10 -3.65 -8.98
CA ILE A 426 -11.76 -5.08 -8.97
C ILE A 426 -10.79 -5.28 -7.81
N GLU A 427 -11.10 -6.27 -6.97
CA GLU A 427 -10.17 -6.77 -5.96
C GLU A 427 -9.26 -7.88 -6.51
N SER A 428 -7.96 -7.77 -6.27
CA SER A 428 -7.01 -8.69 -6.86
C SER A 428 -6.92 -10.01 -6.10
N GLU A 429 -6.98 -11.11 -6.85
CA GLU A 429 -6.62 -12.44 -6.34
C GLU A 429 -5.10 -12.68 -6.50
N GLU A 430 -4.46 -12.96 -5.38
CA GLU A 430 -3.01 -13.07 -5.29
C GLU A 430 -2.22 -12.01 -6.12
N GLY A 431 -2.77 -10.82 -6.19
CA GLY A 431 -2.25 -9.75 -7.02
C GLY A 431 -0.77 -9.52 -6.97
N SER A 432 -0.19 -9.61 -5.79
CA SER A 432 1.23 -9.34 -5.60
C SER A 432 2.14 -10.35 -6.27
N GLY A 433 1.79 -11.61 -6.20
CA GLY A 433 2.66 -12.66 -6.73
C GLY A 433 2.41 -12.92 -8.20
N ARG A 434 1.13 -13.02 -8.54
CA ARG A 434 0.68 -13.20 -9.91
C ARG A 434 0.99 -11.99 -10.77
N GLY A 435 1.16 -10.84 -10.12
CA GLY A 435 1.44 -9.62 -10.84
C GLY A 435 2.89 -9.59 -11.23
N ALA A 436 3.74 -9.78 -10.22
CA ALA A 436 5.18 -9.95 -10.39
C ALA A 436 5.57 -11.04 -11.40
N ALA A 437 4.81 -12.14 -11.42
CA ALA A 437 5.03 -13.20 -12.38
C ALA A 437 4.71 -12.72 -13.79
N LEU A 438 3.51 -12.14 -13.99
CA LEU A 438 3.04 -11.70 -15.31
C LEU A 438 3.95 -10.66 -15.95
N VAL A 439 4.60 -9.88 -15.08
CA VAL A 439 5.52 -8.84 -15.51
C VAL A 439 6.80 -9.55 -15.95
N SER A 440 7.27 -10.47 -15.10
CA SER A 440 8.47 -11.25 -15.35
C SER A 440 8.37 -12.08 -16.63
N ALA A 441 7.16 -12.54 -16.95
CA ALA A 441 6.87 -13.24 -18.20
C ALA A 441 7.29 -12.42 -19.41
N VAL A 442 7.07 -11.11 -19.35
CA VAL A 442 7.35 -10.19 -20.45
C VAL A 442 8.84 -9.80 -20.54
N ALA A 443 9.42 -9.41 -19.42
CA ALA A 443 10.85 -9.11 -19.36
C ALA A 443 11.76 -10.35 -19.55
N CYS A 444 11.15 -11.52 -19.76
CA CYS A 444 11.87 -12.75 -20.15
C CYS A 444 12.07 -12.86 -21.66
N LYS A 445 11.02 -12.57 -22.45
CA LYS A 445 11.16 -12.44 -23.90
C LYS A 445 11.97 -11.18 -24.26
N LYS A 446 12.13 -10.27 -23.29
CA LYS A 446 13.01 -9.11 -23.45
C LYS A 446 14.47 -9.41 -23.02
N ALA A 447 14.74 -10.62 -22.54
CA ALA A 447 16.09 -11.01 -22.11
C ALA A 447 16.61 -12.31 -22.73
N CYS A 448 16.28 -13.44 -22.10
CA CYS A 448 16.85 -14.77 -22.43
C CYS A 448 16.35 -15.37 -23.76
#